data_8RRZ
#
_entry.id   8RRZ
#
_cell.length_a   40.085
_cell.length_b   84.859
_cell.length_c   40.845
_cell.angle_alpha   90.000
_cell.angle_beta   99.329
_cell.angle_gamma   90.000
#
_symmetry.space_group_name_H-M   'P 1 21 1'
#
loop_
_entity.id
_entity.type
_entity.pdbx_description
1 polymer 'Tyrosine-protein kinase SYK'
2 non-polymer N-[(2S)-1-(azetidin-1-yl)propan-2-yl]-3-{2-[(3,5-dimethoxyphenyl)amino]pyrimidin-4-yl}-1-methyl-1H-pyrazole-5-carboxamide
3 non-polymer GLYCEROL
4 water water
#
_entity_poly.entity_id   1
_entity_poly.type   'polypeptide(L)'
_entity_poly.pdbx_seq_one_letter_code
;GPEEIRPKEVYLDRKLLTLEDKELGSGNFGTVKKGYYQMKKVVKTVAVKILKNEANDPALKDELLAEANVMQQLDNPYIV
RMIGICEAESWMLVMEMAELGPLNKYLQQNRHVKDKNIIELVHQVSMGMKYLEESNFVHRDLAARNVLLVTQHYAKISDF
GLSKALRADEN(PTR)(PTR)KAQTHGKWPVKWYAPECINYYKFSSKSDVWSFGVLMWEAFSYGQKPYRGMKGSEVTAML
EKGERMGCPAGCPREMYDLMNLCWTYDVENRPGFAAVELRLRNYYYDVVN
;
_entity_poly.pdbx_strand_id   A
#
loop_
_chem_comp.id
_chem_comp.type
_chem_comp.name
_chem_comp.formula
A1H2Y non-polymer N-[(2S)-1-(azetidin-1-yl)propan-2-yl]-3-{2-[(3,5-dimethoxyphenyl)amino]pyrimidin-4-yl}-1-methyl-1H-pyrazole-5-carboxamide 'C23 H29 N7 O3'
GOL non-polymer GLYCEROL 'C3 H8 O3'
#
# COMPACT_ATOMS: atom_id res chain seq x y z
N VAL A 10 22.58 5.31 -7.69
CA VAL A 10 21.58 4.69 -6.76
C VAL A 10 22.22 4.41 -5.39
N TYR A 11 23.56 4.24 -5.34
CA TYR A 11 24.25 3.96 -4.07
C TYR A 11 24.58 5.25 -3.31
N LEU A 12 24.10 5.33 -2.08
CA LEU A 12 24.29 6.49 -1.24
C LEU A 12 25.54 6.36 -0.38
N ASP A 13 26.06 7.52 0.05
CA ASP A 13 27.21 7.64 0.91
C ASP A 13 26.76 7.66 2.37
N ARG A 14 27.19 6.64 3.14
CA ARG A 14 26.85 6.46 4.55
C ARG A 14 27.22 7.66 5.40
N LYS A 15 28.28 8.37 5.00
CA LYS A 15 28.77 9.53 5.73
C LYS A 15 27.76 10.69 5.63
N LEU A 16 26.84 10.65 4.67
CA LEU A 16 25.88 11.73 4.45
C LEU A 16 24.54 11.41 5.13
N LEU A 17 24.44 10.25 5.78
CA LEU A 17 23.26 9.79 6.48
C LEU A 17 23.47 9.85 7.99
N THR A 18 22.53 10.48 8.69
CA THR A 18 22.47 10.46 10.13
C THR A 18 21.18 9.79 10.57
N LEU A 19 21.29 8.78 11.41
CA LEU A 19 20.10 8.08 11.87
C LEU A 19 19.72 8.50 13.28
N GLU A 20 18.42 8.47 13.58
CA GLU A 20 17.97 8.50 14.95
C GLU A 20 18.09 7.13 15.59
N ASP A 21 18.05 7.16 16.93
CA ASP A 21 18.19 5.97 17.76
C ASP A 21 16.87 5.20 17.80
N LYS A 22 15.76 5.94 17.91
CA LYS A 22 14.43 5.39 18.07
C LYS A 22 14.08 4.61 16.80
N GLU A 23 13.23 3.59 16.90
CA GLU A 23 12.79 2.90 15.69
C GLU A 23 11.32 3.21 15.45
N LEU A 24 10.96 3.38 14.17
CA LEU A 24 9.59 3.63 13.75
C LEU A 24 8.81 2.33 13.73
N GLY A 25 9.52 1.25 13.37
CA GLY A 25 8.96 -0.08 13.26
C GLY A 25 10.05 -1.11 13.06
N SER A 26 9.63 -2.37 12.94
CA SER A 26 10.55 -3.49 12.98
C SER A 26 9.81 -4.75 12.52
N GLY A 27 10.58 -5.77 12.20
CA GLY A 27 10.06 -7.04 11.70
C GLY A 27 11.22 -8.01 11.53
N ASN A 28 10.97 -9.13 10.82
CA ASN A 28 11.97 -10.18 10.67
C ASN A 28 13.19 -9.60 9.95
N PHE A 29 12.96 -8.67 9.01
CA PHE A 29 14.06 -8.06 8.28
C PHE A 29 14.97 -7.23 9.20
N GLY A 30 14.42 -6.66 10.28
CA GLY A 30 15.17 -5.67 11.05
C GLY A 30 14.33 -4.47 11.43
N THR A 31 14.81 -3.23 11.16
CA THR A 31 14.13 -2.05 11.71
C THR A 31 13.94 -0.97 10.64
N VAL A 32 13.00 -0.06 10.93
CA VAL A 32 12.81 1.19 10.21
C VAL A 32 13.05 2.33 11.19
N LYS A 33 13.98 3.20 10.82
CA LYS A 33 14.37 4.34 11.63
CA LYS A 33 14.36 4.34 11.64
C LYS A 33 14.26 5.62 10.82
N LYS A 34 14.03 6.74 11.52
CA LYS A 34 14.06 8.05 10.90
C LYS A 34 15.52 8.51 10.82
N GLY A 35 15.83 9.23 9.75
CA GLY A 35 17.14 9.84 9.60
C GLY A 35 17.09 11.06 8.71
N TYR A 36 18.28 11.55 8.38
CA TYR A 36 18.51 12.75 7.60
C TYR A 36 19.61 12.46 6.60
N TYR A 37 19.38 12.84 5.36
CA TYR A 37 20.33 12.63 4.30
C TYR A 37 20.78 13.99 3.78
N GLN A 38 22.09 14.26 3.88
CA GLN A 38 22.69 15.49 3.37
C GLN A 38 22.65 15.59 1.85
N MET A 39 21.92 16.61 1.37
CA MET A 39 21.85 16.87 -0.06
C MET A 39 22.85 18.00 -0.34
N LYS A 40 22.70 18.71 -1.48
CA LYS A 40 23.67 19.71 -1.92
C LYS A 40 23.78 20.80 -0.85
N LYS A 41 22.64 21.30 -0.35
CA LYS A 41 22.55 22.35 0.65
CA LYS A 41 22.61 22.32 0.68
C LYS A 41 21.66 21.86 1.80
N VAL A 42 20.46 21.44 1.46
CA VAL A 42 19.49 21.08 2.48
C VAL A 42 19.76 19.66 2.97
N VAL A 43 19.10 19.29 4.07
CA VAL A 43 19.07 17.89 4.46
C VAL A 43 17.63 17.41 4.24
N LYS A 44 17.50 16.13 3.86
CA LYS A 44 16.19 15.58 3.58
C LYS A 44 15.87 14.56 4.67
N THR A 45 14.70 14.69 5.31
CA THR A 45 14.26 13.69 6.27
C THR A 45 13.91 12.40 5.52
N VAL A 46 14.38 11.27 6.07
CA VAL A 46 14.23 9.97 5.42
C VAL A 46 13.71 8.91 6.41
N ALA A 47 13.05 7.88 5.83
CA ALA A 47 12.72 6.64 6.50
C ALA A 47 13.68 5.59 5.97
N VAL A 48 14.35 4.86 6.89
CA VAL A 48 15.45 3.98 6.50
C VAL A 48 15.13 2.57 7.00
N LYS A 49 15.03 1.68 6.00
CA LYS A 49 14.73 0.28 6.25
C LYS A 49 16.07 -0.44 6.37
N ILE A 50 16.41 -0.91 7.58
CA ILE A 50 17.74 -1.43 7.87
C ILE A 50 17.70 -2.95 8.11
N LEU A 51 18.46 -3.72 7.33
CA LEU A 51 18.51 -5.17 7.52
C LEU A 51 19.34 -5.55 8.75
N LYS A 52 18.74 -6.27 9.71
CA LYS A 52 19.47 -7.12 10.65
C LYS A 52 19.48 -8.52 10.04
N ASN A 53 20.52 -8.78 9.22
CA ASN A 53 20.50 -9.86 8.25
C ASN A 53 21.12 -11.12 8.87
N ALA A 59 18.90 -14.40 1.66
CA ALA A 59 17.42 -14.41 1.81
C ALA A 59 16.94 -12.96 1.93
N LEU A 60 17.18 -12.40 3.11
CA LEU A 60 16.78 -11.05 3.46
C LEU A 60 17.39 -10.03 2.49
N LYS A 61 18.64 -10.24 2.05
CA LYS A 61 19.33 -9.28 1.21
C LYS A 61 18.62 -9.12 -0.13
N ASP A 62 18.36 -10.26 -0.80
CA ASP A 62 17.79 -10.26 -2.13
C ASP A 62 16.40 -9.61 -2.12
N GLU A 63 15.67 -9.88 -1.04
CA GLU A 63 14.33 -9.36 -0.84
C GLU A 63 14.37 -7.84 -0.72
N LEU A 64 15.33 -7.30 0.05
CA LEU A 64 15.46 -5.85 0.21
C LEU A 64 15.90 -5.26 -1.14
N LEU A 65 16.85 -5.91 -1.80
CA LEU A 65 17.28 -5.45 -3.11
C LEU A 65 16.13 -5.52 -4.14
N ALA A 66 15.24 -6.51 -4.06
CA ALA A 66 14.14 -6.58 -5.02
C ALA A 66 13.14 -5.46 -4.77
N GLU A 67 12.87 -5.23 -3.49
CA GLU A 67 12.03 -4.12 -3.06
C GLU A 67 12.55 -2.79 -3.58
N ALA A 68 13.85 -2.50 -3.40
CA ALA A 68 14.40 -1.26 -3.90
C ALA A 68 14.33 -1.22 -5.44
N ASN A 69 14.56 -2.36 -6.10
CA ASN A 69 14.47 -2.46 -7.55
C ASN A 69 13.07 -2.03 -8.04
N VAL A 70 12.00 -2.45 -7.33
CA VAL A 70 10.66 -2.00 -7.67
C VAL A 70 10.55 -0.48 -7.52
N MET A 71 10.93 0.03 -6.34
CA MET A 71 10.69 1.43 -6.01
C MET A 71 11.49 2.31 -6.95
N GLN A 72 12.63 1.81 -7.41
CA GLN A 72 13.48 2.59 -8.31
C GLN A 72 12.76 2.94 -9.62
N GLN A 73 11.79 2.12 -10.04
CA GLN A 73 11.12 2.20 -11.32
C GLN A 73 9.87 3.08 -11.26
N LEU A 74 9.38 3.38 -10.05
CA LEU A 74 8.15 4.13 -9.88
C LEU A 74 8.47 5.61 -9.60
N ASP A 75 7.65 6.46 -10.21
CA ASP A 75 7.76 7.90 -10.06
C ASP A 75 6.36 8.48 -10.12
N ASN A 76 5.76 8.73 -8.95
CA ASN A 76 4.38 9.17 -8.87
C ASN A 76 4.16 9.81 -7.51
N PRO A 77 3.42 10.92 -7.43
CA PRO A 77 3.27 11.60 -6.14
C PRO A 77 2.63 10.80 -5.00
N TYR A 78 1.89 9.72 -5.32
CA TYR A 78 1.15 8.97 -4.33
C TYR A 78 1.78 7.61 -4.04
N ILE A 79 3.06 7.49 -4.39
CA ILE A 79 3.90 6.37 -4.05
C ILE A 79 5.15 6.89 -3.31
N VAL A 80 5.54 6.19 -2.25
CA VAL A 80 6.78 6.50 -1.53
C VAL A 80 7.95 6.41 -2.50
N ARG A 81 8.73 7.48 -2.55
CA ARG A 81 9.96 7.53 -3.33
C ARG A 81 11.15 6.92 -2.58
N MET A 82 11.97 6.17 -3.33
CA MET A 82 13.27 5.71 -2.86
CA MET A 82 13.25 5.74 -2.79
C MET A 82 14.32 6.76 -3.19
N ILE A 83 15.14 7.14 -2.22
CA ILE A 83 16.29 8.01 -2.41
C ILE A 83 17.44 7.13 -2.95
N GLY A 84 17.67 6.02 -2.28
CA GLY A 84 18.74 5.11 -2.70
C GLY A 84 18.93 3.96 -1.74
N ILE A 85 19.98 3.18 -2.00
CA ILE A 85 20.46 2.14 -1.10
C ILE A 85 21.81 2.58 -0.54
N CYS A 86 22.05 2.19 0.70
CA CYS A 86 23.30 2.42 1.39
C CYS A 86 23.80 1.07 1.89
N GLU A 87 25.00 0.69 1.44
CA GLU A 87 25.65 -0.53 1.90
C GLU A 87 26.63 -0.16 3.02
N ALA A 88 26.21 -0.25 4.27
CA ALA A 88 27.04 0.28 5.34
C ALA A 88 27.20 -0.81 6.39
N GLU A 89 27.18 -0.47 7.70
CA GLU A 89 27.23 -1.47 8.76
C GLU A 89 26.16 -2.52 8.52
N SER A 90 25.01 -2.07 7.98
CA SER A 90 23.96 -2.92 7.43
C SER A 90 23.59 -2.45 6.02
N TRP A 91 22.83 -3.26 5.28
CA TRP A 91 22.10 -2.82 4.07
C TRP A 91 20.91 -1.93 4.45
N MET A 92 20.73 -0.81 3.72
CA MET A 92 19.71 0.16 4.10
C MET A 92 19.00 0.68 2.83
N LEU A 93 17.67 0.70 2.91
CA LEU A 93 16.84 1.25 1.86
C LEU A 93 16.32 2.59 2.36
N VAL A 94 16.79 3.66 1.74
CA VAL A 94 16.55 5.01 2.18
C VAL A 94 15.40 5.56 1.34
N MET A 95 14.33 5.99 2.03
CA MET A 95 13.15 6.50 1.35
C MET A 95 12.80 7.90 1.92
N GLU A 96 12.03 8.69 1.14
CA GLU A 96 11.43 9.89 1.66
C GLU A 96 10.56 9.52 2.84
N MET A 97 10.52 10.40 3.84
CA MET A 97 9.82 10.12 5.09
C MET A 97 8.35 10.51 4.98
N ALA A 98 7.43 9.58 5.31
CA ALA A 98 6.03 9.90 5.51
C ALA A 98 5.82 10.10 7.01
N GLU A 99 5.68 11.37 7.43
CA GLU A 99 5.88 11.75 8.84
C GLU A 99 4.76 11.22 9.75
N LEU A 100 3.55 11.08 9.22
CA LEU A 100 2.40 10.74 10.06
C LEU A 100 2.15 9.22 10.15
N GLY A 101 2.87 8.41 9.37
CA GLY A 101 2.91 6.97 9.51
C GLY A 101 1.66 6.31 8.88
N PRO A 102 1.41 5.03 9.22
CA PRO A 102 0.35 4.22 8.57
C PRO A 102 -1.06 4.74 8.78
N LEU A 103 -1.84 4.67 7.71
CA LEU A 103 -3.21 5.15 7.67
C LEU A 103 -4.10 4.44 8.71
N ASN A 104 -3.96 3.13 8.87
CA ASN A 104 -4.79 2.39 9.82
C ASN A 104 -4.59 2.94 11.25
N LYS A 105 -3.33 2.96 11.71
CA LYS A 105 -2.95 3.50 13.02
C LYS A 105 -3.39 4.96 13.21
N TYR A 106 -3.21 5.82 12.20
CA TYR A 106 -3.59 7.21 12.24
C TYR A 106 -5.09 7.34 12.51
N LEU A 107 -5.90 6.51 11.82
CA LEU A 107 -7.35 6.67 11.92
C LEU A 107 -7.82 6.07 13.24
N GLN A 108 -7.12 5.04 13.76
CA GLN A 108 -7.45 4.46 15.04
C GLN A 108 -7.27 5.51 16.15
N GLN A 109 -6.30 6.41 15.98
CA GLN A 109 -6.00 7.45 16.95
C GLN A 109 -6.72 8.77 16.66
N ASN A 110 -7.37 8.89 15.52
CA ASN A 110 -7.99 10.14 15.09
C ASN A 110 -9.37 9.87 14.49
N ARG A 111 -10.32 9.45 15.33
CA ARG A 111 -11.67 9.14 14.88
C ARG A 111 -12.45 10.42 14.49
N HIS A 112 -11.81 11.60 14.51
CA HIS A 112 -12.49 12.86 14.14
C HIS A 112 -12.45 13.11 12.64
N VAL A 113 -11.66 12.32 11.92
CA VAL A 113 -11.37 12.71 10.56
C VAL A 113 -12.68 12.61 9.81
N LYS A 114 -12.97 13.58 8.94
CA LYS A 114 -14.25 13.61 8.27
C LYS A 114 -14.29 12.62 7.11
N ASP A 115 -15.52 12.19 6.74
CA ASP A 115 -15.80 11.41 5.54
C ASP A 115 -15.10 11.99 4.32
N LYS A 116 -15.28 13.30 4.07
CA LYS A 116 -14.73 13.96 2.89
C LYS A 116 -13.20 13.79 2.83
N ASN A 117 -12.53 13.85 4.00
CA ASN A 117 -11.08 13.69 4.18
C ASN A 117 -10.67 12.23 3.88
N ILE A 118 -11.51 11.26 4.30
CA ILE A 118 -11.24 9.85 3.98
C ILE A 118 -11.37 9.62 2.47
N ILE A 119 -12.39 10.21 1.83
CA ILE A 119 -12.57 10.04 0.40
C ILE A 119 -11.35 10.61 -0.34
N GLU A 120 -10.88 11.78 0.12
CA GLU A 120 -9.71 12.40 -0.47
C GLU A 120 -8.49 11.47 -0.42
N LEU A 121 -8.26 10.83 0.72
CA LEU A 121 -7.11 9.95 0.92
C LEU A 121 -7.24 8.66 0.10
N VAL A 122 -8.43 8.04 0.11
CA VAL A 122 -8.62 6.80 -0.67
C VAL A 122 -8.55 7.12 -2.17
N HIS A 123 -9.02 8.30 -2.62
CA HIS A 123 -8.84 8.74 -3.99
C HIS A 123 -7.36 8.86 -4.33
N GLN A 124 -6.56 9.47 -3.44
CA GLN A 124 -5.12 9.52 -3.68
C GLN A 124 -4.51 8.14 -3.85
N VAL A 125 -4.86 7.17 -2.98
CA VAL A 125 -4.41 5.78 -3.18
C VAL A 125 -4.83 5.25 -4.56
N SER A 126 -6.06 5.56 -5.03
CA SER A 126 -6.52 5.03 -6.31
C SER A 126 -5.73 5.61 -7.49
N MET A 127 -5.21 6.82 -7.30
CA MET A 127 -4.41 7.48 -8.33
C MET A 127 -3.03 6.85 -8.38
N GLY A 128 -2.45 6.53 -7.20
CA GLY A 128 -1.20 5.79 -7.15
C GLY A 128 -1.36 4.45 -7.83
N MET A 129 -2.38 3.72 -7.44
CA MET A 129 -2.65 2.41 -8.01
C MET A 129 -2.95 2.44 -9.52
N LYS A 130 -3.70 3.44 -10.00
CA LYS A 130 -3.91 3.58 -11.43
C LYS A 130 -2.55 3.66 -12.15
N TYR A 131 -1.63 4.45 -11.57
CA TYR A 131 -0.28 4.55 -12.08
C TYR A 131 0.45 3.20 -12.02
N LEU A 132 0.38 2.51 -10.87
CA LEU A 132 0.99 1.19 -10.72
C LEU A 132 0.45 0.19 -11.77
N GLU A 133 -0.86 0.17 -11.99
CA GLU A 133 -1.48 -0.68 -13.01
C GLU A 133 -0.99 -0.31 -14.43
N GLU A 134 -0.97 0.97 -14.78
CA GLU A 134 -0.40 1.41 -16.07
C GLU A 134 1.05 0.98 -16.28
N SER A 135 1.82 1.00 -15.18
CA SER A 135 3.21 0.61 -15.19
C SER A 135 3.39 -0.90 -15.15
N ASN A 136 2.31 -1.66 -15.01
CA ASN A 136 2.36 -3.11 -15.04
C ASN A 136 3.14 -3.67 -13.85
N PHE A 137 2.88 -3.13 -12.66
CA PHE A 137 3.34 -3.73 -11.40
C PHE A 137 2.08 -4.12 -10.60
N VAL A 138 2.18 -5.26 -9.96
CA VAL A 138 1.17 -5.69 -8.98
C VAL A 138 1.77 -5.46 -7.60
N HIS A 139 0.97 -4.85 -6.69
CA HIS A 139 1.46 -4.53 -5.36
C HIS A 139 1.48 -5.77 -4.46
N ARG A 140 0.36 -6.50 -4.40
CA ARG A 140 0.21 -7.76 -3.69
C ARG A 140 0.15 -7.65 -2.16
N ASP A 141 0.14 -6.43 -1.59
CA ASP A 141 0.01 -6.28 -0.15
C ASP A 141 -0.68 -4.95 0.14
N LEU A 142 -1.67 -4.62 -0.69
CA LEU A 142 -2.35 -3.35 -0.55
C LEU A 142 -3.37 -3.44 0.59
N ALA A 143 -3.14 -2.60 1.58
CA ALA A 143 -3.93 -2.58 2.81
C ALA A 143 -3.63 -1.26 3.51
N ALA A 144 -4.47 -0.86 4.47
CA ALA A 144 -4.36 0.41 5.13
C ALA A 144 -3.02 0.57 5.88
N ARG A 145 -2.42 -0.52 6.34
CA ARG A 145 -1.16 -0.46 7.06
C ARG A 145 0.02 -0.13 6.14
N ASN A 146 -0.22 -0.27 4.82
CA ASN A 146 0.76 0.01 3.79
C ASN A 146 0.44 1.26 3.00
N VAL A 147 -0.43 2.12 3.53
CA VAL A 147 -0.58 3.47 3.09
C VAL A 147 -0.04 4.34 4.22
N LEU A 148 0.83 5.29 3.88
CA LEU A 148 1.47 6.17 4.83
C LEU A 148 1.01 7.60 4.57
N LEU A 149 0.89 8.42 5.66
CA LEU A 149 0.44 9.78 5.52
C LEU A 149 1.64 10.75 5.61
N VAL A 150 1.73 11.58 4.60
CA VAL A 150 2.65 12.72 4.60
C VAL A 150 2.08 13.81 5.53
N THR A 151 0.82 14.14 5.25
CA THR A 151 -0.02 15.02 6.04
C THR A 151 -1.38 14.37 6.15
N GLN A 152 -2.30 15.02 6.92
CA GLN A 152 -3.64 14.49 7.06
C GLN A 152 -4.40 14.50 5.72
N HIS A 153 -3.86 15.23 4.73
CA HIS A 153 -4.45 15.34 3.41
C HIS A 153 -3.53 14.82 2.29
N TYR A 154 -2.56 13.94 2.58
CA TYR A 154 -1.65 13.48 1.54
C TYR A 154 -1.18 12.07 1.89
N ALA A 155 -1.68 11.06 1.13
CA ALA A 155 -1.35 9.66 1.34
C ALA A 155 -0.41 9.17 0.25
N LYS A 156 0.43 8.21 0.64
CA LYS A 156 1.30 7.47 -0.26
C LYS A 156 1.29 5.98 -0.02
N ILE A 157 1.40 5.25 -1.13
CA ILE A 157 1.51 3.80 -1.08
C ILE A 157 2.95 3.43 -0.80
N SER A 158 3.12 2.48 0.12
CA SER A 158 4.41 1.98 0.57
C SER A 158 4.44 0.44 0.47
N ASP A 159 5.59 -0.11 0.88
CA ASP A 159 5.74 -1.52 1.23
C ASP A 159 5.56 -2.43 -0.01
N PHE A 160 6.57 -2.35 -0.89
CA PHE A 160 6.63 -3.04 -2.17
C PHE A 160 7.39 -4.37 -2.11
N GLY A 161 7.46 -4.95 -0.90
CA GLY A 161 8.14 -6.21 -0.62
C GLY A 161 7.56 -7.43 -1.32
N LEU A 162 6.22 -7.48 -1.52
CA LEU A 162 5.58 -8.58 -2.23
C LEU A 162 5.29 -8.22 -3.70
N SER A 163 5.71 -7.05 -4.18
CA SER A 163 5.30 -6.49 -5.47
C SER A 163 6.08 -7.18 -6.58
N LYS A 164 5.48 -7.19 -7.79
CA LYS A 164 6.06 -7.93 -8.91
C LYS A 164 5.86 -7.08 -10.16
N ALA A 165 6.94 -6.93 -10.92
CA ALA A 165 6.88 -6.36 -12.24
C ALA A 165 6.39 -7.42 -13.23
N LEU A 166 5.23 -7.21 -13.82
CA LEU A 166 4.70 -8.19 -14.76
C LEU A 166 5.55 -8.16 -16.03
N ARG A 167 5.70 -9.34 -16.63
CA ARG A 167 6.38 -9.45 -17.92
C ARG A 167 5.55 -8.74 -18.99
N ALA A 168 6.21 -8.36 -20.10
CA ALA A 168 5.58 -7.51 -21.09
C ALA A 168 4.37 -8.21 -21.75
N ASP A 169 4.34 -9.53 -21.71
CA ASP A 169 3.22 -10.20 -22.35
C ASP A 169 2.40 -11.04 -21.37
N GLU A 170 2.30 -10.60 -20.11
CA GLU A 170 1.43 -11.31 -19.17
CA GLU A 170 1.44 -11.30 -19.18
C GLU A 170 0.69 -10.28 -18.31
N ASN A 171 -0.54 -10.65 -17.98
CA ASN A 171 -1.47 -9.81 -17.24
C ASN A 171 -1.61 -10.22 -15.79
N PTR A 172 -0.93 -11.29 -15.37
CA PTR A 172 -0.89 -11.68 -13.98
C PTR A 172 0.49 -12.27 -13.70
O PTR A 172 1.24 -12.82 -14.59
CB PTR A 172 -2.03 -12.66 -13.63
CG PTR A 172 -1.94 -13.93 -14.40
CD1 PTR A 172 -1.20 -15.00 -13.91
CD2 PTR A 172 -2.54 -14.04 -15.64
CE1 PTR A 172 -1.08 -16.18 -14.64
CE2 PTR A 172 -2.43 -15.19 -16.40
CZ PTR A 172 -1.72 -16.26 -15.87
OH PTR A 172 -1.54 -17.45 -16.58
P PTR A 172 -2.62 -18.27 -17.44
O1P PTR A 172 -3.87 -18.50 -16.60
O2P PTR A 172 -1.92 -19.58 -17.69
O3P PTR A 172 -2.98 -17.62 -18.75
H PTR A 172 -0.52 -11.84 -15.99
HA PTR A 172 -1.00 -10.87 -13.43
HB2 PTR A 172 -2.88 -12.22 -13.83
HB3 PTR A 172 -2.00 -12.84 -12.67
HD1 PTR A 172 -0.78 -14.94 -13.07
HD2 PTR A 172 -3.02 -13.31 -15.98
HE1 PTR A 172 -0.58 -16.91 -14.30
HE2 PTR A 172 -2.85 -15.26 -17.23
HN2 PTR A 172 -0.55 -10.47 -15.45
N PTR A 173 0.68 -12.40 -12.27
CA PTR A 173 1.84 -13.09 -11.68
C PTR A 173 1.29 -14.34 -11.01
O PTR A 173 0.33 -14.24 -10.25
CB PTR A 173 2.57 -12.19 -10.70
CG PTR A 173 3.56 -12.91 -9.84
CD1 PTR A 173 4.85 -13.18 -10.30
CD2 PTR A 173 3.22 -13.32 -8.57
CE1 PTR A 173 5.78 -13.83 -9.49
CE2 PTR A 173 4.12 -13.97 -7.74
CZ PTR A 173 5.40 -14.23 -8.22
OH PTR A 173 6.22 -14.88 -7.28
P PTR A 173 7.42 -15.93 -7.55
O1P PTR A 173 6.87 -17.33 -7.92
O2P PTR A 173 8.35 -15.45 -8.65
O3P PTR A 173 8.14 -16.00 -6.22
H PTR A 173 0.10 -12.18 -11.60
HA PTR A 173 2.47 -13.36 -12.40
HB2 PTR A 173 1.91 -11.74 -10.13
HB3 PTR A 173 3.04 -11.49 -11.20
HD1 PTR A 173 5.10 -12.90 -11.15
HD2 PTR A 173 2.35 -13.14 -8.24
HE1 PTR A 173 6.66 -14.00 -9.81
HE2 PTR A 173 3.87 -14.24 -6.88
HN2 PTR A 173 0.27 -12.96 -12.85
N LYS A 174 1.95 -15.59 -11.31
CA LYS A 174 1.54 -16.88 -10.72
C LYS A 174 2.52 -17.11 -9.56
N ALA A 175 2.03 -17.08 -8.32
CA ALA A 175 2.85 -17.31 -7.15
C ALA A 175 3.31 -18.77 -7.13
N GLN A 176 4.52 -19.01 -6.57
CA GLN A 176 5.13 -20.33 -6.43
C GLN A 176 6.09 -20.35 -5.22
N TRP A 181 0.51 -15.24 3.80
CA TRP A 181 -0.41 -14.51 2.87
C TRP A 181 -1.46 -13.72 3.64
N PRO A 182 -1.58 -12.42 3.34
CA PRO A 182 -2.66 -11.59 3.92
C PRO A 182 -4.01 -11.88 3.26
N VAL A 183 -4.55 -13.08 3.59
CA VAL A 183 -5.72 -13.67 2.97
C VAL A 183 -6.91 -12.70 3.03
N LYS A 184 -7.08 -11.96 4.13
CA LYS A 184 -8.22 -11.05 4.25
C LYS A 184 -8.22 -9.97 3.18
N TRP A 185 -7.07 -9.73 2.50
CA TRP A 185 -6.97 -8.71 1.48
C TRP A 185 -6.94 -9.29 0.07
N TYR A 186 -6.95 -10.63 -0.05
CA TYR A 186 -6.77 -11.30 -1.33
C TYR A 186 -8.09 -11.68 -2.00
N ALA A 187 -8.09 -11.49 -3.31
CA ALA A 187 -9.20 -11.88 -4.17
C ALA A 187 -9.29 -13.40 -4.32
N PRO A 188 -10.49 -13.91 -4.69
CA PRO A 188 -10.71 -15.35 -4.77
C PRO A 188 -9.74 -16.03 -5.74
N GLU A 189 -9.42 -15.38 -6.86
CA GLU A 189 -8.50 -15.97 -7.84
C GLU A 189 -7.07 -16.09 -7.31
N CYS A 190 -6.65 -15.23 -6.36
CA CYS A 190 -5.36 -15.34 -5.68
C CYS A 190 -5.30 -16.58 -4.80
N ILE A 191 -6.36 -16.78 -4.00
CA ILE A 191 -6.49 -17.91 -3.09
C ILE A 191 -6.65 -19.22 -3.87
N ASN A 192 -7.52 -19.25 -4.88
CA ASN A 192 -7.92 -20.47 -5.58
C ASN A 192 -6.96 -20.82 -6.71
N TYR A 193 -6.28 -19.85 -7.30
CA TYR A 193 -5.48 -20.12 -8.49
C TYR A 193 -4.07 -19.53 -8.39
N TYR A 194 -3.77 -18.82 -7.30
CA TYR A 194 -2.49 -18.19 -7.10
C TYR A 194 -2.16 -17.15 -8.18
N LYS A 195 -3.16 -16.51 -8.78
CA LYS A 195 -2.96 -15.53 -9.85
C LYS A 195 -3.16 -14.11 -9.31
N PHE A 196 -2.15 -13.27 -9.52
CA PHE A 196 -2.16 -11.91 -9.00
C PHE A 196 -2.06 -10.91 -10.14
N SER A 197 -3.09 -10.09 -10.30
CA SER A 197 -3.18 -9.07 -11.34
C SER A 197 -3.40 -7.71 -10.68
N SER A 198 -3.54 -6.69 -11.55
CA SER A 198 -3.96 -5.36 -11.09
C SER A 198 -5.40 -5.43 -10.59
N LYS A 199 -6.24 -6.25 -11.24
CA LYS A 199 -7.57 -6.53 -10.68
C LYS A 199 -7.58 -7.24 -9.31
N SER A 200 -6.66 -8.13 -8.97
CA SER A 200 -6.48 -8.61 -7.61
C SER A 200 -6.20 -7.45 -6.66
N ASP A 201 -5.31 -6.51 -7.05
CA ASP A 201 -5.07 -5.33 -6.22
C ASP A 201 -6.33 -4.48 -6.05
N VAL A 202 -7.23 -4.45 -7.04
CA VAL A 202 -8.53 -3.74 -6.90
C VAL A 202 -9.37 -4.34 -5.76
N TRP A 203 -9.40 -5.69 -5.68
CA TRP A 203 -10.07 -6.38 -4.57
C TRP A 203 -9.49 -5.88 -3.23
N SER A 204 -8.15 -5.86 -3.15
CA SER A 204 -7.45 -5.38 -1.96
C SER A 204 -7.85 -3.95 -1.60
N PHE A 205 -7.97 -3.10 -2.65
CA PHE A 205 -8.31 -1.70 -2.52
C PHE A 205 -9.70 -1.54 -1.92
N GLY A 206 -10.62 -2.42 -2.27
CA GLY A 206 -11.93 -2.42 -1.63
C GLY A 206 -11.87 -2.73 -0.13
N VAL A 207 -11.02 -3.69 0.29
CA VAL A 207 -10.78 -3.96 1.71
C VAL A 207 -10.14 -2.76 2.40
N LEU A 208 -9.13 -2.16 1.76
CA LEU A 208 -8.52 -0.93 2.23
C LEU A 208 -9.55 0.18 2.45
N MET A 209 -10.46 0.36 1.47
CA MET A 209 -11.51 1.35 1.61
C MET A 209 -12.39 1.04 2.83
N TRP A 210 -12.77 -0.22 3.00
CA TRP A 210 -13.55 -0.61 4.17
C TRP A 210 -12.81 -0.29 5.48
N GLU A 211 -11.48 -0.55 5.50
CA GLU A 211 -10.66 -0.26 6.66
C GLU A 211 -10.64 1.25 6.99
N ALA A 212 -10.47 2.08 5.93
CA ALA A 212 -10.39 3.53 6.03
C ALA A 212 -11.68 4.09 6.60
N PHE A 213 -12.82 3.61 6.08
CA PHE A 213 -14.13 4.14 6.51
C PHE A 213 -14.48 3.54 7.89
N SER A 214 -13.76 2.51 8.34
CA SER A 214 -13.94 1.87 9.63
C SER A 214 -12.94 2.42 10.66
N TYR A 215 -12.16 3.46 10.32
CA TYR A 215 -11.13 4.03 11.18
C TYR A 215 -10.11 3.00 11.65
N GLY A 216 -9.60 2.21 10.72
CA GLY A 216 -8.53 1.30 11.01
C GLY A 216 -8.95 0.08 11.81
N GLN A 217 -10.25 -0.27 11.79
CA GLN A 217 -10.63 -1.57 12.30
C GLN A 217 -10.08 -2.66 11.39
N LYS A 218 -9.92 -3.86 11.96
CA LYS A 218 -9.48 -5.02 11.20
C LYS A 218 -10.65 -5.58 10.41
N PRO A 219 -10.41 -5.97 9.14
CA PRO A 219 -11.48 -6.61 8.36
C PRO A 219 -11.79 -8.02 8.86
N TYR A 220 -13.02 -8.51 8.57
CA TYR A 220 -13.41 -9.87 8.90
C TYR A 220 -12.99 -10.22 10.34
N ARG A 221 -13.43 -9.36 11.27
CA ARG A 221 -13.03 -9.47 12.67
C ARG A 221 -13.25 -10.90 13.22
N GLY A 222 -12.18 -11.47 13.78
CA GLY A 222 -12.26 -12.73 14.49
C GLY A 222 -12.30 -13.98 13.62
N MET A 223 -12.19 -13.83 12.27
CA MET A 223 -12.41 -14.93 11.37
C MET A 223 -11.04 -15.47 10.93
N LYS A 224 -10.96 -16.78 10.76
CA LYS A 224 -9.82 -17.45 10.13
C LYS A 224 -9.89 -17.23 8.63
N GLY A 225 -8.73 -17.33 8.00
CA GLY A 225 -8.64 -17.19 6.55
C GLY A 225 -9.64 -18.07 5.81
N SER A 226 -9.76 -19.36 6.23
CA SER A 226 -10.64 -20.31 5.58
C SER A 226 -12.11 -19.94 5.76
N GLU A 227 -12.44 -19.27 6.86
CA GLU A 227 -13.79 -18.81 7.10
C GLU A 227 -14.14 -17.63 6.20
N VAL A 228 -13.14 -16.76 5.95
CA VAL A 228 -13.29 -15.64 5.03
C VAL A 228 -13.56 -16.18 3.62
N THR A 229 -12.72 -17.12 3.16
CA THR A 229 -12.93 -17.72 1.85
C THR A 229 -14.34 -18.31 1.68
N ALA A 230 -14.84 -19.03 2.68
CA ALA A 230 -16.19 -19.61 2.65
C ALA A 230 -17.28 -18.53 2.60
N MET A 231 -17.15 -17.48 3.43
CA MET A 231 -18.07 -16.38 3.43
C MET A 231 -18.15 -15.75 2.04
N LEU A 232 -17.00 -15.50 1.41
CA LEU A 232 -17.00 -14.86 0.12
C LEU A 232 -17.66 -15.71 -0.96
N GLU A 233 -17.40 -17.00 -0.90
CA GLU A 233 -17.95 -17.95 -1.85
C GLU A 233 -19.47 -18.08 -1.70
N LYS A 234 -20.02 -17.73 -0.55
CA LYS A 234 -21.46 -17.68 -0.42
C LYS A 234 -22.03 -16.37 -0.93
N GLY A 235 -21.19 -15.48 -1.48
CA GLY A 235 -21.63 -14.19 -1.97
C GLY A 235 -21.80 -13.15 -0.85
N GLU A 236 -21.31 -13.47 0.35
CA GLU A 236 -21.35 -12.53 1.46
C GLU A 236 -20.15 -11.60 1.44
N ARG A 237 -20.39 -10.38 1.88
CA ARG A 237 -19.41 -9.30 1.91
C ARG A 237 -19.58 -8.52 3.21
N MET A 238 -18.48 -7.94 3.71
CA MET A 238 -18.59 -7.03 4.84
C MET A 238 -19.60 -5.94 4.57
N GLY A 239 -20.24 -5.50 5.66
CA GLY A 239 -21.27 -4.48 5.62
C GLY A 239 -20.71 -3.07 5.58
N CYS A 240 -21.63 -2.13 5.41
CA CYS A 240 -21.26 -0.74 5.29
C CYS A 240 -20.76 -0.20 6.64
N PRO A 241 -19.53 0.34 6.75
CA PRO A 241 -19.12 0.97 8.03
C PRO A 241 -20.05 2.10 8.46
N ALA A 242 -20.17 2.33 9.78
CA ALA A 242 -20.89 3.51 10.26
C ALA A 242 -20.36 4.79 9.61
N GLY A 243 -21.31 5.57 9.06
CA GLY A 243 -21.07 6.89 8.53
C GLY A 243 -20.45 6.87 7.13
N CYS A 244 -20.20 5.67 6.60
CA CYS A 244 -19.67 5.54 5.24
C CYS A 244 -20.80 5.86 4.26
N PRO A 245 -20.56 6.77 3.29
CA PRO A 245 -21.56 7.10 2.27
C PRO A 245 -21.92 5.88 1.43
N ARG A 246 -23.20 5.83 0.98
CA ARG A 246 -23.71 4.72 0.19
C ARG A 246 -22.84 4.47 -1.02
N GLU A 247 -22.52 5.55 -1.75
CA GLU A 247 -21.77 5.46 -3.00
C GLU A 247 -20.40 4.82 -2.78
N MET A 248 -19.80 5.07 -1.61
CA MET A 248 -18.47 4.52 -1.31
C MET A 248 -18.55 3.05 -0.94
N TYR A 249 -19.61 2.65 -0.23
CA TYR A 249 -19.86 1.24 0.00
C TYR A 249 -20.18 0.49 -1.32
N ASP A 250 -20.98 1.10 -2.20
CA ASP A 250 -21.28 0.50 -3.48
C ASP A 250 -19.98 0.28 -4.27
N LEU A 251 -19.03 1.21 -4.17
CA LEU A 251 -17.76 1.07 -4.89
C LEU A 251 -16.93 -0.09 -4.29
N MET A 252 -16.90 -0.21 -2.96
CA MET A 252 -16.29 -1.35 -2.26
C MET A 252 -16.86 -2.65 -2.85
N ASN A 253 -18.19 -2.76 -2.89
CA ASN A 253 -18.79 -3.99 -3.37
C ASN A 253 -18.40 -4.25 -4.84
N LEU A 254 -18.30 -3.23 -5.67
CA LEU A 254 -17.81 -3.44 -7.02
C LEU A 254 -16.37 -3.95 -7.04
N CYS A 255 -15.48 -3.39 -6.19
CA CYS A 255 -14.12 -3.94 -6.07
C CYS A 255 -14.16 -5.42 -5.68
N TRP A 256 -15.15 -5.85 -4.87
CA TRP A 256 -15.26 -7.23 -4.42
C TRP A 256 -16.11 -8.06 -5.38
N THR A 257 -15.98 -7.76 -6.67
CA THR A 257 -16.59 -8.56 -7.73
C THR A 257 -15.86 -9.88 -7.81
N TYR A 258 -16.60 -10.97 -7.61
CA TYR A 258 -16.01 -12.29 -7.51
C TYR A 258 -15.18 -12.61 -8.76
N ASP A 259 -15.82 -12.55 -9.93
CA ASP A 259 -15.17 -12.90 -11.19
C ASP A 259 -14.23 -11.77 -11.62
N VAL A 260 -12.95 -12.09 -11.63
CA VAL A 260 -11.91 -11.11 -11.94
C VAL A 260 -12.18 -10.43 -13.27
N GLU A 261 -12.72 -11.18 -14.25
CA GLU A 261 -12.93 -10.71 -15.61
C GLU A 261 -13.87 -9.50 -15.60
N ASN A 262 -14.83 -9.50 -14.65
CA ASN A 262 -15.88 -8.50 -14.58
C ASN A 262 -15.60 -7.43 -13.52
N ARG A 263 -14.55 -7.58 -12.75
CA ARG A 263 -14.19 -6.60 -11.72
C ARG A 263 -13.57 -5.39 -12.42
N PRO A 264 -13.81 -4.12 -11.95
CA PRO A 264 -13.16 -2.95 -12.54
C PRO A 264 -11.65 -3.00 -12.34
N GLY A 265 -10.92 -2.41 -13.31
CA GLY A 265 -9.54 -1.98 -13.10
C GLY A 265 -9.45 -0.62 -12.40
N PHE A 266 -8.22 -0.17 -12.09
CA PHE A 266 -8.05 1.08 -11.37
C PHE A 266 -8.44 2.32 -12.15
N ALA A 267 -8.37 2.31 -13.50
CA ALA A 267 -8.89 3.46 -14.27
C ALA A 267 -10.34 3.72 -13.87
N ALA A 268 -11.16 2.67 -13.83
CA ALA A 268 -12.58 2.84 -13.55
C ALA A 268 -12.76 3.21 -12.08
N VAL A 269 -11.97 2.60 -11.19
CA VAL A 269 -12.09 2.87 -9.76
C VAL A 269 -11.70 4.33 -9.44
N GLU A 270 -10.56 4.77 -9.96
CA GLU A 270 -10.11 6.14 -9.74
C GLU A 270 -11.14 7.15 -10.28
N LEU A 271 -11.70 6.90 -11.47
CA LEU A 271 -12.67 7.82 -12.05
C LEU A 271 -13.91 7.97 -11.17
N ARG A 272 -14.41 6.85 -10.60
CA ARG A 272 -15.55 6.87 -9.70
C ARG A 272 -15.30 7.73 -8.47
N LEU A 273 -14.11 7.53 -7.87
CA LEU A 273 -13.72 8.28 -6.69
C LEU A 273 -13.54 9.76 -7.01
N ARG A 274 -12.93 10.01 -8.15
CA ARG A 274 -12.67 11.37 -8.61
C ARG A 274 -13.99 12.13 -8.75
N ASN A 275 -14.95 11.50 -9.43
CA ASN A 275 -16.23 12.12 -9.71
C ASN A 275 -16.98 12.38 -8.42
N TYR A 276 -16.95 11.41 -7.49
CA TYR A 276 -17.67 11.53 -6.23
C TYR A 276 -17.05 12.61 -5.34
N TYR A 277 -15.72 12.65 -5.27
CA TYR A 277 -15.01 13.64 -4.47
C TYR A 277 -15.31 15.06 -4.95
N TYR A 278 -15.21 15.26 -6.26
CA TYR A 278 -15.34 16.60 -6.82
C TYR A 278 -16.82 16.98 -6.93
N ASP A 279 -17.75 16.14 -6.41
CA ASP A 279 -19.09 16.58 -6.02
C ASP A 279 -19.55 15.94 -4.69
N VAL A 280 -18.92 16.33 -3.55
CA VAL A 280 -19.35 15.89 -2.22
C VAL A 280 -19.25 17.08 -1.25
C6 A1H2Y B . 5.16 -4.70 6.01
C7 A1H2Y B . 6.12 -5.57 5.22
C8 A1H2Y B . 7.26 -4.65 5.76
C10 A1H2Y B . 8.34 2.52 5.22
C11 A1H2Y B . 8.50 4.81 4.23
C17 A1H2Y B . 6.73 5.74 8.81
C18 A1H2Y B . 6.55 4.38 8.99
C19 A1H2Y B . 6.10 3.83 10.23
C9 A1H2Y B . 8.18 3.92 5.28
N1 A1H2Y B . 7.62 -1.16 7.25
C14 A1H2Y B . 7.57 5.86 6.54
C12 A1H2Y B . 8.32 6.20 4.29
C3 A1H2Y B . 7.55 -2.03 9.54
C2 A1H2Y B . 7.56 -2.44 8.04
C4 A1H2Y B . 6.29 -3.26 7.72
N5 A1H2Y B . 6.27 -3.72 6.28
C28 A1H2Y B . 8.43 -0.95 6.19
O29 A1H2Y B . 9.16 -1.87 5.78
C24 A1H2Y B . 8.43 0.31 5.62
C23 A1H2Y B . 8.22 1.55 6.24
N25 A1H2Y B . 8.70 0.54 4.31
C27 A1H2Y B . 9.02 -0.47 3.24
N26 A1H2Y B . 8.58 1.87 4.08
N15 A1H2Y B . 7.75 4.53 6.43
N13 A1H2Y B . 7.86 6.74 5.52
N16 A1H2Y B . 7.09 6.41 7.68
C22 A1H2Y B . 6.39 6.58 9.88
C21 A1H2Y B . 5.96 6.04 11.12
O30 A1H2Y B . 5.67 6.82 12.23
C33 A1H2Y B . 5.80 8.26 12.18
C20 A1H2Y B . 5.83 4.67 11.29
O31 A1H2Y B . 6.02 2.43 10.33
C32 A1H2Y B . 5.33 1.88 11.52
H62 A1H2Y B . 4.97 -4.92 7.05
H61 A1H2Y B . 4.59 -3.92 5.52
H71 A1H2Y B . 6.42 -6.51 5.62
H72 A1H2Y B . 6.18 -5.46 4.15
H81 A1H2Y B . 7.89 -4.29 4.96
H82 A1H2Y B . 7.85 -5.17 6.53
H11 A1H2Y B . 8.87 4.39 3.29
H18 A1H2Y B . 6.77 3.68 8.20
H13 A1H2Y B . 7.05 -0.40 7.59
H12 A1H2Y B . 8.57 6.84 3.45
H33 A1H2Y B . 7.57 -2.94 10.16
H31 A1H2Y B . 6.65 -1.47 9.76
H32 A1H2Y B . 8.43 -1.42 9.76
H2 A1H2Y B . 8.45 -3.04 7.84
H42 A1H2Y B . 5.42 -2.64 7.91
H41 A1H2Y B . 6.27 -4.12 8.39
H23 A1H2Y B . 7.98 1.74 7.28
H83 A1H2Y B . 8.44 -1.37 3.38
H84 A1H2Y B . 10.07 -0.69 3.26
H27 A1H2Y B . 8.75 -0.04 2.28
H16 A1H2Y B . 6.98 7.40 7.67
H22 A1H2Y B . 6.50 7.65 9.77
H9A A1H2Y B . 5.53 8.68 13.15
H88 A1H2Y B . 5.12 8.64 11.42
H89 A1H2Y B . 6.82 8.53 11.93
H20 A1H2Y B . 5.49 4.30 12.25
H85 A1H2Y B . 5.22 0.80 11.40
H86 A1H2Y B . 4.35 2.33 11.61
H87 A1H2Y B . 5.91 2.09 12.40
H5 A1H2Y B . 6.21 -2.94 5.67
C1 GOL C . -24.86 -16.58 7.44
O1 GOL C . -24.29 -17.34 6.38
C2 GOL C . -23.69 -15.78 7.98
O2 GOL C . -23.98 -14.38 7.99
C3 GOL C . -23.13 -16.36 9.23
O3 GOL C . -23.23 -17.77 9.35
H11 GOL C . -25.23 -17.17 8.14
H12 GOL C . -25.56 -15.98 7.09
HO1 GOL C . -24.91 -17.82 6.04
H2 GOL C . -22.98 -15.89 7.30
HO2 GOL C . -23.76 -14.09 8.76
H31 GOL C . -23.58 -15.94 10.00
H32 GOL C . -22.17 -16.11 9.28
HO3 GOL C . -22.77 -18.12 8.74
C1 GOL D . -6.00 -9.54 -15.40
O1 GOL D . -7.02 -8.55 -15.58
C2 GOL D . -6.61 -10.87 -15.03
O2 GOL D . -7.78 -11.09 -15.81
C3 GOL D . -5.65 -12.02 -15.18
O3 GOL D . -5.12 -12.07 -16.51
H11 GOL D . -5.39 -9.25 -14.68
H12 GOL D . -5.49 -9.63 -16.24
HO1 GOL D . -6.72 -7.78 -15.91
H2 GOL D . -6.89 -10.82 -14.08
HO2 GOL D . -7.69 -11.86 -16.07
H31 GOL D . -6.12 -12.87 -14.99
H32 GOL D . -4.91 -11.92 -14.54
HO3 GOL D . -5.69 -12.45 -17.00
#